data_6ONU
#
_entry.id   6ONU
#
_cell.length_a   37.803
_cell.length_b   144.439
_cell.length_c   59.890
_cell.angle_alpha   90.000
_cell.angle_beta   106.761
_cell.angle_gamma   90.000
#
_symmetry.space_group_name_H-M   'P 1 21 1'
#
loop_
_entity.id
_entity.type
_entity.pdbx_description
1 polymer 'Transcriptional regulator WhiB1'
2 polymer 'RNA polymerase sigma factor SigA'
3 non-polymer 'IRON/SULFUR CLUSTER'
4 non-polymer DI(HYDROXYETHYL)ETHER
5 water water
#
loop_
_entity_poly.entity_id
_entity_poly.type
_entity_poly.pdbx_seq_one_letter_code
_entity_poly.pdbx_strand_id
1 'polypeptide(L)'
;(MSE)DWRHKAVCRDEDPELFFPVGNSGPALAQIADAKLVCNRCPVTTECLSWALNTGQDSGVWGG(MSE)SEDERRALK
RRNA
;
A,C,E,G
2 'polypeptide(L)'
;(MSE)AHHHHHHAREPISLDQTIGDEGDSQLGDFIEDSEAVVAVDAVSFTLLQDQLQSVLDTLSEREAGVVRLRFGLTDG
QPRTLDEIGQVYGVTRERIRQIESKT(MSE)SKLRHPSRSQVLRDYLD
;
B,D,F,H
#
# COMPACT_ATOMS: atom_id res chain seq x y z
N ASP A 2 0.53 31.29 11.28
CA ASP A 2 1.69 30.98 10.47
C ASP A 2 1.56 31.66 9.10
N TRP A 3 2.69 31.99 8.49
CA TRP A 3 2.66 32.82 7.29
C TRP A 3 1.94 32.14 6.15
N ARG A 4 2.00 30.80 6.10
CA ARG A 4 1.32 30.08 5.03
C ARG A 4 -0.17 30.36 5.03
N HIS A 5 -0.72 30.71 6.20
CA HIS A 5 -2.12 31.04 6.28
C HIS A 5 -2.47 32.26 5.42
N LYS A 6 -1.50 33.12 5.16
CA LYS A 6 -1.76 34.37 4.46
C LYS A 6 -1.30 34.34 3.01
N ALA A 7 -0.85 33.17 2.53
CA ALA A 7 -0.42 33.01 1.14
C ALA A 7 -1.59 33.21 0.18
N VAL A 8 -1.51 34.27 -0.63
CA VAL A 8 -2.55 34.55 -1.61
CA VAL A 8 -2.53 34.56 -1.62
C VAL A 8 -2.52 33.55 -2.76
N CYS A 9 -1.41 32.85 -2.94
CA CYS A 9 -1.31 31.82 -3.96
C CYS A 9 -2.17 30.61 -3.61
N ARG A 10 -2.69 30.52 -2.39
CA ARG A 10 -3.67 29.46 -2.12
C ARG A 10 -4.93 29.63 -2.96
N ASP A 11 -5.16 30.82 -3.53
CA ASP A 11 -6.31 31.01 -4.41
C ASP A 11 -5.92 30.97 -5.89
N GLU A 12 -4.73 30.47 -6.21
CA GLU A 12 -4.26 30.41 -7.58
C GLU A 12 -4.06 28.96 -8.01
N ASP A 13 -3.90 28.76 -9.32
CA ASP A 13 -3.44 27.47 -9.87
C ASP A 13 -2.01 27.23 -9.39
N PRO A 14 -1.74 26.16 -8.64
CA PRO A 14 -0.37 25.95 -8.12
C PRO A 14 0.67 25.89 -9.21
N GLU A 15 0.28 25.39 -10.39
CA GLU A 15 1.22 25.26 -11.47
C GLU A 15 1.65 26.60 -12.04
N LEU A 16 0.92 27.67 -11.74
CA LEU A 16 1.38 29.00 -12.13
C LEU A 16 2.80 29.23 -11.59
N PHE A 17 3.10 28.68 -10.42
CA PHE A 17 4.38 28.96 -9.80
C PHE A 17 5.48 27.98 -10.21
N PHE A 18 5.22 27.12 -11.20
CA PHE A 18 6.23 26.18 -11.70
C PHE A 18 6.29 26.27 -13.21
N PRO A 19 6.72 27.42 -13.74
CA PRO A 19 6.80 27.59 -15.19
C PRO A 19 7.85 26.69 -15.80
N VAL A 20 7.53 26.20 -16.99
CA VAL A 20 8.47 25.44 -17.80
CA VAL A 20 8.46 25.43 -17.81
C VAL A 20 8.57 26.15 -19.15
N GLY A 21 9.79 26.37 -19.59
CA GLY A 21 10.01 26.99 -20.87
C GLY A 21 10.40 25.94 -21.90
N ASN A 22 10.24 26.31 -23.16
CA ASN A 22 10.60 25.48 -24.34
C ASN A 22 11.61 26.25 -25.18
N SER A 23 12.88 25.89 -25.12
CA SER A 23 13.94 26.60 -25.84
C SER A 23 14.15 28.01 -25.27
N GLY A 24 14.04 28.13 -23.94
CA GLY A 24 14.27 29.40 -23.28
C GLY A 24 13.35 29.66 -22.10
N PRO A 25 13.68 30.70 -21.34
CA PRO A 25 12.89 31.02 -20.13
C PRO A 25 11.44 31.35 -20.43
N ALA A 26 10.56 30.94 -19.51
CA ALA A 26 9.15 31.31 -19.56
C ALA A 26 8.97 32.69 -18.90
N LEU A 27 9.43 33.70 -19.61
CA LEU A 27 9.47 35.05 -19.06
C LEU A 27 8.08 35.53 -18.67
N ALA A 28 7.08 35.26 -19.52
CA ALA A 28 5.73 35.73 -19.23
C ALA A 28 5.14 34.99 -18.04
N GLN A 29 5.32 33.68 -17.96
CA GLN A 29 4.72 32.96 -16.83
C GLN A 29 5.42 33.31 -15.52
N ILE A 30 6.74 33.48 -15.56
CA ILE A 30 7.45 33.95 -14.37
C ILE A 30 6.91 35.31 -13.93
N ALA A 31 6.68 36.23 -14.89
CA ALA A 31 6.10 37.52 -14.52
C ALA A 31 4.72 37.35 -13.92
N ASP A 32 3.90 36.48 -14.51
CA ASP A 32 2.56 36.23 -13.99
C ASP A 32 2.60 35.72 -12.55
N ALA A 33 3.57 34.87 -12.22
CA ALA A 33 3.67 34.37 -10.86
C ALA A 33 4.11 35.49 -9.91
N LYS A 34 5.13 36.24 -10.33
CA LYS A 34 5.63 37.33 -9.51
C LYS A 34 4.55 38.37 -9.26
N LEU A 35 3.62 38.54 -10.22
CA LEU A 35 2.52 39.49 -10.02
C LEU A 35 1.65 39.09 -8.83
N VAL A 36 1.44 37.80 -8.64
CA VAL A 36 0.73 37.34 -7.45
C VAL A 36 1.56 37.61 -6.20
N CYS A 37 2.85 37.24 -6.23
CA CYS A 37 3.71 37.54 -5.07
C CYS A 37 3.70 39.03 -4.72
N ASN A 38 3.56 39.91 -5.71
CA ASN A 38 3.58 41.36 -5.47
C ASN A 38 2.35 41.85 -4.73
N ARG A 39 1.27 41.07 -4.71
CA ARG A 39 0.07 41.39 -3.95
C ARG A 39 -0.12 40.41 -2.80
N CYS A 40 0.98 39.82 -2.32
CA CYS A 40 0.98 38.89 -1.21
C CYS A 40 1.55 39.53 0.04
N PRO A 41 0.93 39.39 1.21
CA PRO A 41 1.47 40.01 2.44
C PRO A 41 2.67 39.28 3.05
N VAL A 42 3.02 38.09 2.58
CA VAL A 42 4.07 37.30 3.25
C VAL A 42 5.21 36.99 2.30
N THR A 43 5.45 37.89 1.33
CA THR A 43 6.51 37.67 0.35
C THR A 43 7.85 37.41 1.03
N THR A 44 8.16 38.16 2.09
CA THR A 44 9.46 38.03 2.73
C THR A 44 9.59 36.73 3.50
N GLU A 45 8.55 36.36 4.23
CA GLU A 45 8.59 35.07 4.94
C GLU A 45 8.66 33.93 3.94
N CYS A 46 7.92 34.04 2.84
CA CYS A 46 7.92 32.96 1.83
C CYS A 46 9.31 32.82 1.21
N LEU A 47 9.94 33.95 0.85
CA LEU A 47 11.27 33.92 0.26
C LEU A 47 12.29 33.39 1.26
N SER A 48 12.23 33.86 2.51
CA SER A 48 13.13 33.35 3.54
C SER A 48 13.00 31.84 3.68
N TRP A 49 11.76 31.34 3.76
CA TRP A 49 11.61 29.90 3.90
C TRP A 49 12.14 29.14 2.69
N ALA A 50 11.82 29.61 1.48
CA ALA A 50 12.33 28.94 0.30
C ALA A 50 13.85 28.93 0.27
N LEU A 51 14.48 30.05 0.62
CA LEU A 51 15.95 30.09 0.62
C LEU A 51 16.53 29.23 1.73
N ASN A 52 15.96 29.30 2.93
CA ASN A 52 16.53 28.61 4.08
C ASN A 52 16.38 27.11 3.96
N THR A 53 15.28 26.63 3.35
CA THR A 53 15.08 25.19 3.16
C THR A 53 15.53 24.73 1.78
N GLY A 54 16.08 25.62 0.96
CA GLY A 54 16.65 25.20 -0.32
C GLY A 54 15.66 24.73 -1.37
N GLN A 55 14.54 25.43 -1.55
CA GLN A 55 13.62 25.07 -2.63
C GLN A 55 14.22 25.49 -3.95
N ASP A 56 14.58 24.50 -4.79
CA ASP A 56 15.23 24.77 -6.07
C ASP A 56 14.22 25.17 -7.14
N SER A 57 13.11 24.45 -7.24
CA SER A 57 12.16 24.70 -8.32
C SER A 57 11.09 25.70 -7.95
N GLY A 58 10.57 26.40 -8.95
CA GLY A 58 9.39 27.22 -8.77
C GLY A 58 9.69 28.67 -8.41
N VAL A 59 8.63 29.47 -8.45
CA VAL A 59 8.63 30.87 -8.02
C VAL A 59 8.18 30.92 -6.56
N TRP A 60 9.03 31.52 -5.72
CA TRP A 60 8.74 31.66 -4.30
C TRP A 60 9.17 33.07 -3.91
N GLY A 61 8.37 33.75 -3.10
CA GLY A 61 8.82 35.03 -2.52
C GLY A 61 9.20 36.08 -3.55
N GLY A 62 8.54 36.07 -4.71
CA GLY A 62 8.84 37.03 -5.74
C GLY A 62 10.11 36.78 -6.51
N SER A 64 12.35 34.03 -9.11
CA SER A 64 12.33 32.84 -9.93
C SER A 64 13.36 31.84 -9.42
N GLU A 65 13.25 30.60 -9.92
CA GLU A 65 14.21 29.57 -9.57
C GLU A 65 15.64 29.99 -9.93
N ASP A 66 15.84 30.59 -11.12
CA ASP A 66 17.20 30.96 -11.49
C ASP A 66 17.75 32.04 -10.57
N GLU A 67 16.90 32.98 -10.14
CA GLU A 67 17.36 34.05 -9.26
C GLU A 67 17.76 33.52 -7.88
N ARG A 68 16.97 32.62 -7.31
CA ARG A 68 17.36 32.04 -6.02
C ARG A 68 18.62 31.20 -6.15
N ARG A 69 18.74 30.46 -7.26
CA ARG A 69 19.97 29.70 -7.50
C ARG A 69 21.18 30.61 -7.54
N ALA A 70 21.03 31.76 -8.21
CA ALA A 70 22.16 32.69 -8.30
C ALA A 70 22.57 33.19 -6.92
N LEU A 71 21.61 33.42 -6.01
CA LEU A 71 22.01 33.82 -4.66
C LEU A 71 22.86 32.74 -3.98
N LYS A 72 22.56 31.47 -4.24
CA LYS A 72 23.16 30.37 -3.50
C LYS A 72 24.51 29.98 -4.08
N ARG A 73 25.47 29.74 -3.19
CA ARG A 73 26.90 29.53 -3.48
C ARG A 73 27.26 29.20 -4.92
N LEU B 47 -5.77 12.09 3.20
CA LEU B 47 -4.73 12.71 4.01
C LEU B 47 -3.81 13.54 3.13
N LEU B 48 -2.53 13.15 3.08
CA LEU B 48 -1.57 13.73 2.16
C LEU B 48 -1.82 13.28 0.73
N GLN B 49 -2.49 12.14 0.59
CA GLN B 49 -2.77 11.54 -0.71
C GLN B 49 -3.29 12.54 -1.72
N ASP B 50 -4.23 13.40 -1.32
CA ASP B 50 -4.89 14.27 -2.30
C ASP B 50 -3.89 15.22 -2.94
N GLN B 51 -3.17 16.01 -2.13
CA GLN B 51 -2.20 16.95 -2.69
C GLN B 51 -1.06 16.23 -3.41
N LEU B 52 -0.62 15.09 -2.86
CA LEU B 52 0.45 14.34 -3.49
C LEU B 52 0.04 13.83 -4.88
N GLN B 53 -1.16 13.23 -4.98
CA GLN B 53 -1.65 12.79 -6.29
C GLN B 53 -1.85 13.98 -7.23
N SER B 54 -2.30 15.11 -6.69
CA SER B 54 -2.43 16.32 -7.50
C SER B 54 -1.09 16.72 -8.11
N VAL B 55 -0.03 16.69 -7.31
CA VAL B 55 1.31 17.02 -7.80
C VAL B 55 1.77 15.99 -8.82
N LEU B 56 1.50 14.70 -8.56
CA LEU B 56 1.92 13.67 -9.50
C LEU B 56 1.26 13.88 -10.86
N ASP B 57 0.00 14.37 -10.87
CA ASP B 57 -0.71 14.62 -12.11
C ASP B 57 -0.01 15.66 -12.98
N THR B 58 0.76 16.54 -12.37
CA THR B 58 1.45 17.58 -13.14
C THR B 58 2.75 17.10 -13.76
N LEU B 59 3.21 15.92 -13.40
CA LEU B 59 4.45 15.39 -13.95
C LEU B 59 4.14 14.52 -15.17
N SER B 60 5.17 14.24 -15.97
CA SER B 60 5.04 13.21 -16.98
C SER B 60 4.78 11.85 -16.33
N GLU B 61 4.28 10.92 -17.15
CA GLU B 61 4.08 9.55 -16.69
C GLU B 61 5.37 8.96 -16.15
N ARG B 62 6.49 9.26 -16.79
CA ARG B 62 7.75 8.68 -16.35
C ARG B 62 8.18 9.28 -15.03
N GLU B 63 8.09 10.61 -14.91
CA GLU B 63 8.43 11.25 -13.64
C GLU B 63 7.57 10.72 -12.51
N ALA B 64 6.26 10.62 -12.75
CA ALA B 64 5.35 10.16 -11.70
C ALA B 64 5.64 8.72 -11.31
N GLY B 65 5.95 7.87 -12.30
CA GLY B 65 6.40 6.52 -11.99
C GLY B 65 7.66 6.50 -11.13
N VAL B 66 8.62 7.37 -11.46
CA VAL B 66 9.87 7.43 -10.68
C VAL B 66 9.56 7.78 -9.22
N VAL B 67 8.67 8.75 -9.01
CA VAL B 67 8.36 9.16 -7.62
C VAL B 67 7.58 8.07 -6.90
N ARG B 68 6.63 7.44 -7.59
CA ARG B 68 5.88 6.36 -6.96
C ARG B 68 6.81 5.22 -6.55
N LEU B 69 7.78 4.87 -7.39
CA LEU B 69 8.71 3.81 -7.00
C LEU B 69 9.61 4.27 -5.86
N ARG B 70 10.10 5.52 -5.93
CA ARG B 70 10.97 6.02 -4.88
C ARG B 70 10.27 6.01 -3.52
N PHE B 71 9.02 6.42 -3.47
CA PHE B 71 8.34 6.52 -2.18
C PHE B 71 7.53 5.28 -1.86
N GLY B 72 7.45 4.32 -2.77
CA GLY B 72 6.68 3.11 -2.49
C GLY B 72 5.19 3.35 -2.42
N LEU B 73 4.68 4.28 -3.22
CA LEU B 73 3.28 4.69 -3.11
C LEU B 73 2.34 3.63 -3.64
N THR B 74 2.80 2.85 -4.60
CA THR B 74 1.88 2.00 -5.33
C THR B 74 1.77 0.61 -4.73
N ASP B 75 2.89 0.01 -4.29
CA ASP B 75 2.86 -1.33 -3.69
C ASP B 75 3.49 -1.35 -2.30
N GLY B 76 3.80 -0.19 -1.74
CA GLY B 76 4.37 -0.13 -0.41
C GLY B 76 5.84 -0.47 -0.32
N GLN B 77 6.56 -0.55 -1.43
CA GLN B 77 7.97 -0.92 -1.40
C GLN B 77 8.82 0.14 -2.06
N PRO B 78 9.43 1.03 -1.30
CA PRO B 78 10.38 1.98 -1.91
C PRO B 78 11.49 1.22 -2.61
N ARG B 79 11.88 1.69 -3.79
CA ARG B 79 12.95 1.10 -4.57
C ARG B 79 14.24 1.90 -4.45
N THR B 80 15.36 1.21 -4.65
CA THR B 80 16.64 1.88 -4.63
C THR B 80 16.82 2.73 -5.87
N LEU B 81 17.78 3.66 -5.78
CA LEU B 81 18.11 4.49 -6.94
C LEU B 81 18.51 3.63 -8.13
N ASP B 82 19.27 2.55 -7.87
CA ASP B 82 19.68 1.64 -8.92
C ASP B 82 18.47 0.98 -9.59
N GLU B 83 17.56 0.41 -8.78
CA GLU B 83 16.36 -0.23 -9.32
C GLU B 83 15.52 0.76 -10.14
N ILE B 84 15.39 2.01 -9.68
CA ILE B 84 14.58 2.97 -10.42
C ILE B 84 15.27 3.33 -11.74
N GLY B 85 16.58 3.58 -11.68
CA GLY B 85 17.32 3.84 -12.89
C GLY B 85 17.25 2.69 -13.88
N GLN B 86 17.08 1.47 -13.38
CA GLN B 86 16.94 0.35 -14.30
C GLN B 86 15.54 0.31 -14.91
N VAL B 87 14.51 0.58 -14.11
CA VAL B 87 13.13 0.49 -14.60
C VAL B 87 12.82 1.62 -15.60
N TYR B 88 13.20 2.85 -15.27
CA TYR B 88 12.84 3.98 -16.12
C TYR B 88 14.01 4.55 -16.89
N GLY B 89 15.20 3.97 -16.77
CA GLY B 89 16.33 4.34 -17.59
C GLY B 89 16.78 5.77 -17.37
N VAL B 90 16.93 6.15 -16.10
CA VAL B 90 17.26 7.51 -15.73
C VAL B 90 18.43 7.49 -14.75
N THR B 91 19.20 8.57 -14.76
CA THR B 91 20.39 8.66 -13.93
C THR B 91 20.00 9.00 -12.50
N ARG B 92 21.00 8.91 -11.61
CA ARG B 92 20.75 9.28 -10.23
C ARG B 92 20.50 10.78 -10.09
N GLU B 93 21.24 11.59 -10.84
CA GLU B 93 21.03 13.03 -10.81
C GLU B 93 19.65 13.40 -11.36
N ARG B 94 19.15 12.65 -12.35
CA ARG B 94 17.82 12.94 -12.86
C ARG B 94 16.75 12.56 -11.86
N ILE B 95 16.96 11.45 -11.14
CA ILE B 95 16.04 11.11 -10.06
C ILE B 95 16.06 12.18 -8.99
N ARG B 96 17.26 12.62 -8.60
CA ARG B 96 17.38 13.72 -7.64
C ARG B 96 16.55 14.91 -8.10
N GLN B 97 16.66 15.28 -9.39
CA GLN B 97 15.94 16.48 -9.83
C GLN B 97 14.43 16.24 -9.83
N ILE B 98 13.98 15.05 -10.22
CA ILE B 98 12.54 14.76 -10.19
C ILE B 98 12.02 14.85 -8.76
N GLU B 99 12.72 14.21 -7.84
CA GLU B 99 12.34 14.26 -6.44
C GLU B 99 12.34 15.70 -5.91
N SER B 100 13.38 16.45 -6.23
CA SER B 100 13.47 17.82 -5.73
C SER B 100 12.31 18.67 -6.24
N LYS B 101 11.98 18.53 -7.52
CA LYS B 101 10.89 19.29 -8.11
C LYS B 101 9.56 18.89 -7.50
N THR B 102 9.33 17.58 -7.35
CA THR B 102 8.09 17.13 -6.72
C THR B 102 7.96 17.67 -5.31
N SER B 104 9.36 20.39 -3.99
CA SER B 104 9.05 21.82 -4.05
C SER B 104 7.59 22.07 -4.39
N LYS B 105 7.00 21.29 -5.33
CA LYS B 105 5.58 21.48 -5.64
C LYS B 105 4.71 21.14 -4.43
N LEU B 106 5.06 20.07 -3.72
CA LEU B 106 4.23 19.61 -2.61
C LEU B 106 4.26 20.60 -1.45
N ARG B 107 5.42 21.20 -1.22
CA ARG B 107 5.64 22.10 -0.09
C ARG B 107 5.37 23.57 -0.44
N HIS B 108 4.99 23.87 -1.67
CA HIS B 108 4.74 25.26 -2.04
C HIS B 108 3.50 25.80 -1.32
N PRO B 109 3.56 27.05 -0.84
CA PRO B 109 2.40 27.59 -0.09
C PRO B 109 1.11 27.64 -0.89
N SER B 110 1.14 27.49 -2.23
CA SER B 110 -0.11 27.43 -2.99
CA SER B 110 -0.13 27.47 -2.95
C SER B 110 -0.98 26.27 -2.57
N ARG B 111 -0.39 25.27 -1.94
CA ARG B 111 -1.09 24.06 -1.53
C ARG B 111 -1.19 23.99 -0.01
N SER B 112 -2.37 23.64 0.50
CA SER B 112 -2.47 23.36 1.93
C SER B 112 -1.52 22.23 2.28
N GLN B 113 -0.95 22.30 3.47
CA GLN B 113 -0.01 21.28 3.92
C GLN B 113 -0.74 20.35 4.89
N VAL B 114 -0.14 19.19 5.13
CA VAL B 114 -0.77 18.16 5.96
C VAL B 114 -0.26 18.28 7.39
N LEU B 115 -1.16 18.59 8.32
CA LEU B 115 -0.83 18.73 9.74
C LEU B 115 -0.18 17.45 10.29
N ASP C 2 17.64 -12.63 -21.20
CA ASP C 2 18.22 -13.84 -20.60
C ASP C 2 17.83 -13.90 -19.13
N TRP C 3 17.14 -12.86 -18.65
CA TRP C 3 16.68 -12.86 -17.27
C TRP C 3 15.64 -13.96 -17.03
N ARG C 4 14.91 -14.36 -18.08
CA ARG C 4 13.90 -15.41 -17.91
C ARG C 4 14.50 -16.70 -17.39
N HIS C 5 15.79 -16.93 -17.61
CA HIS C 5 16.41 -18.16 -17.15
C HIS C 5 16.35 -18.29 -15.63
N LYS C 6 16.27 -17.16 -14.91
CA LYS C 6 16.31 -17.16 -13.45
C LYS C 6 14.95 -16.97 -12.80
N ALA C 7 13.89 -16.84 -13.61
CA ALA C 7 12.51 -16.75 -13.12
C ALA C 7 12.13 -17.94 -12.24
N VAL C 8 11.91 -17.72 -10.93
CA VAL C 8 11.60 -18.86 -10.08
C VAL C 8 10.18 -19.34 -10.28
N CYS C 9 9.30 -18.49 -10.82
CA CYS C 9 7.93 -18.90 -11.15
C CYS C 9 7.87 -20.02 -12.18
N ARG C 10 9.00 -20.40 -12.79
CA ARG C 10 9.02 -21.56 -13.69
C ARG C 10 8.68 -22.84 -12.95
N ASP C 11 8.81 -22.87 -11.63
CA ASP C 11 8.45 -24.06 -10.87
C ASP C 11 7.08 -23.92 -10.21
N GLU C 12 6.28 -22.96 -10.65
CA GLU C 12 4.99 -22.68 -10.06
C GLU C 12 3.89 -22.91 -11.09
N ASP C 13 2.65 -23.00 -10.60
CA ASP C 13 1.49 -22.99 -11.47
C ASP C 13 1.42 -21.67 -12.21
N PRO C 14 1.48 -21.64 -13.54
CA PRO C 14 1.39 -20.36 -14.25
C PRO C 14 0.15 -19.55 -13.89
N GLU C 15 -0.97 -20.22 -13.62
CA GLU C 15 -2.19 -19.49 -13.30
C GLU C 15 -2.11 -18.80 -11.94
N LEU C 16 -1.14 -19.17 -11.11
CA LEU C 16 -0.90 -18.43 -9.88
C LEU C 16 -0.74 -16.94 -10.16
N PHE C 17 -0.13 -16.60 -11.30
CA PHE C 17 0.16 -15.21 -11.56
C PHE C 17 -0.96 -14.50 -12.31
N PHE C 18 -2.12 -15.14 -12.47
CA PHE C 18 -3.26 -14.49 -13.13
C PHE C 18 -4.51 -14.59 -12.26
N PRO C 19 -4.49 -13.96 -11.08
CA PRO C 19 -5.72 -13.86 -10.30
C PRO C 19 -6.74 -12.98 -11.03
N VAL C 20 -8.02 -13.26 -10.80
CA VAL C 20 -9.09 -12.48 -11.42
C VAL C 20 -9.59 -11.46 -10.41
N GLY C 21 -9.41 -10.18 -10.72
CA GLY C 21 -9.77 -9.10 -9.83
C GLY C 21 -8.79 -8.96 -8.67
N ASN C 22 -9.20 -8.17 -7.68
CA ASN C 22 -8.39 -7.90 -6.49
C ASN C 22 -9.24 -7.99 -5.22
N SER C 23 -10.22 -8.88 -5.23
CA SER C 23 -11.15 -9.06 -4.13
C SER C 23 -11.23 -10.54 -3.81
N GLY C 24 -11.78 -10.85 -2.63
CA GLY C 24 -12.04 -12.20 -2.23
C GLY C 24 -10.85 -13.12 -2.43
N PRO C 25 -11.07 -14.24 -3.12
CA PRO C 25 -9.97 -15.21 -3.31
C PRO C 25 -8.70 -14.59 -3.84
N ALA C 26 -8.83 -13.54 -4.66
CA ALA C 26 -7.67 -12.91 -5.28
C ALA C 26 -6.71 -12.34 -4.24
N LEU C 27 -7.23 -11.85 -3.12
CA LEU C 27 -6.38 -11.36 -2.03
C LEU C 27 -5.32 -12.39 -1.68
N ALA C 28 -5.76 -13.63 -1.39
CA ALA C 28 -4.78 -14.66 -1.07
C ALA C 28 -3.86 -14.91 -2.25
N GLN C 29 -4.41 -14.95 -3.47
CA GLN C 29 -3.63 -15.42 -4.60
C GLN C 29 -2.57 -14.39 -4.98
N ILE C 30 -2.96 -13.11 -5.05
CA ILE C 30 -1.99 -12.05 -5.26
C ILE C 30 -0.85 -12.17 -4.24
N ALA C 31 -1.20 -12.41 -2.96
CA ALA C 31 -0.16 -12.49 -1.94
C ALA C 31 0.73 -13.71 -2.19
N ASP C 32 0.11 -14.87 -2.48
CA ASP C 32 0.91 -16.05 -2.80
C ASP C 32 1.80 -15.78 -4.01
N ALA C 33 1.27 -15.10 -5.02
CA ALA C 33 2.11 -14.83 -6.18
C ALA C 33 3.27 -13.94 -5.78
N LYS C 34 2.98 -12.90 -4.98
CA LYS C 34 4.04 -11.98 -4.56
C LYS C 34 5.08 -12.68 -3.72
N LEU C 35 4.68 -13.70 -2.94
CA LEU C 35 5.69 -14.41 -2.17
C LEU C 35 6.72 -15.05 -3.09
N VAL C 36 6.26 -15.58 -4.23
CA VAL C 36 7.20 -16.15 -5.19
C VAL C 36 8.13 -15.07 -5.71
N CYS C 37 7.55 -13.93 -6.09
CA CYS C 37 8.38 -12.86 -6.63
C CYS C 37 9.35 -12.37 -5.59
N ASN C 38 8.97 -12.51 -4.31
CA ASN C 38 9.84 -12.02 -3.25
C ASN C 38 11.05 -12.91 -3.04
N ARG C 39 11.12 -14.07 -3.68
CA ARG C 39 12.34 -14.87 -3.64
C ARG C 39 12.98 -14.96 -5.02
N CYS C 40 12.60 -14.08 -5.92
CA CYS C 40 13.06 -14.15 -7.31
C CYS C 40 14.28 -13.27 -7.50
N PRO C 41 15.34 -13.74 -8.14
CA PRO C 41 16.51 -12.89 -8.37
C PRO C 41 16.35 -11.87 -9.49
N VAL C 42 15.29 -11.96 -10.29
CA VAL C 42 15.17 -11.07 -11.45
C VAL C 42 13.89 -10.25 -11.40
N THR C 43 13.49 -9.81 -10.20
CA THR C 43 12.27 -9.04 -10.07
CA THR C 43 12.26 -9.04 -10.09
C THR C 43 12.34 -7.72 -10.83
N THR C 44 13.50 -7.05 -10.77
CA THR C 44 13.58 -5.76 -11.45
C THR C 44 13.48 -5.94 -12.96
N GLU C 45 14.21 -6.91 -13.51
CA GLU C 45 14.18 -7.16 -14.94
C GLU C 45 12.76 -7.48 -15.41
N CYS C 46 12.07 -8.30 -14.61
CA CYS C 46 10.71 -8.72 -14.95
C CYS C 46 9.74 -7.54 -14.91
N LEU C 47 9.82 -6.72 -13.86
CA LEU C 47 8.98 -5.53 -13.79
C LEU C 47 9.25 -4.61 -14.96
N SER C 48 10.53 -4.39 -15.26
CA SER C 48 10.86 -3.45 -16.34
C SER C 48 10.32 -3.96 -17.66
N TRP C 49 10.42 -5.27 -17.86
CA TRP C 49 9.93 -5.85 -19.11
C TRP C 49 8.41 -5.70 -19.23
N ALA C 50 7.68 -6.02 -18.15
CA ALA C 50 6.22 -5.89 -18.17
C ALA C 50 5.80 -4.44 -18.42
N LEU C 51 6.47 -3.48 -17.75
CA LEU C 51 6.13 -2.07 -17.95
C LEU C 51 6.45 -1.64 -19.37
N ASN C 52 7.63 -2.02 -19.88
CA ASN C 52 8.13 -1.50 -21.15
C ASN C 52 7.41 -2.09 -22.36
N THR C 53 6.90 -3.31 -22.23
CA THR C 53 6.20 -3.99 -23.31
C THR C 53 4.68 -4.00 -23.12
N GLY C 54 4.17 -3.39 -22.06
CA GLY C 54 2.73 -3.24 -21.91
C GLY C 54 1.99 -4.50 -21.51
N GLN C 55 2.61 -5.35 -20.70
CA GLN C 55 1.90 -6.51 -20.16
C GLN C 55 0.95 -5.99 -19.09
N ASP C 56 -0.31 -5.84 -19.46
CA ASP C 56 -1.30 -5.21 -18.58
CA ASP C 56 -1.34 -5.22 -18.62
C ASP C 56 -2.04 -6.20 -17.70
N SER C 57 -1.83 -7.50 -17.87
CA SER C 57 -2.53 -8.50 -17.08
CA SER C 57 -2.53 -8.54 -17.11
C SER C 57 -1.55 -9.35 -16.30
N GLY C 58 -1.98 -9.84 -15.14
CA GLY C 58 -1.19 -10.73 -14.33
C GLY C 58 -0.27 -10.03 -13.35
N VAL C 59 0.36 -10.84 -12.49
CA VAL C 59 1.41 -10.42 -11.58
C VAL C 59 2.77 -10.56 -12.26
N TRP C 60 3.50 -9.45 -12.36
CA TRP C 60 4.85 -9.41 -12.92
C TRP C 60 5.68 -8.56 -11.97
N GLY C 61 6.94 -8.94 -11.79
CA GLY C 61 7.90 -8.12 -11.04
C GLY C 61 7.48 -7.82 -9.62
N GLY C 62 6.72 -8.71 -8.99
CA GLY C 62 6.24 -8.48 -7.66
C GLY C 62 5.07 -7.52 -7.55
N SER C 64 1.01 -6.52 -8.66
CA SER C 64 -0.26 -6.89 -9.27
C SER C 64 -0.56 -6.04 -10.50
N GLU C 65 -1.48 -6.52 -11.35
CA GLU C 65 -1.77 -5.72 -12.54
C GLU C 65 -2.35 -4.35 -12.16
N ASP C 66 -3.12 -4.28 -11.08
CA ASP C 66 -3.65 -2.99 -10.62
C ASP C 66 -2.53 -2.08 -10.14
N GLU C 67 -1.54 -2.65 -9.48
CA GLU C 67 -0.44 -1.81 -9.01
C GLU C 67 0.36 -1.25 -10.18
N ARG C 68 0.61 -2.08 -11.21
CA ARG C 68 1.37 -1.59 -12.35
C ARG C 68 0.58 -0.54 -13.10
N ARG C 69 -0.74 -0.73 -13.23
CA ARG C 69 -1.58 0.29 -13.82
C ARG C 69 -1.52 1.58 -13.00
N ALA C 70 -1.50 1.47 -11.66
CA ALA C 70 -1.51 2.64 -10.80
C ALA C 70 -0.23 3.46 -10.95
N LEU C 71 0.88 2.80 -11.29
CA LEU C 71 2.12 3.55 -11.55
C LEU C 71 1.92 4.70 -12.54
N LYS C 72 1.04 4.51 -13.53
CA LYS C 72 0.76 5.50 -14.56
C LYS C 72 -0.53 6.27 -14.33
N ARG C 73 -1.21 6.05 -13.20
CA ARG C 73 -2.53 6.59 -12.97
C ARG C 73 -2.51 8.11 -12.97
N ARG C 74 -3.63 8.71 -13.34
CA ARG C 74 -3.75 10.20 -13.39
C ARG C 74 -4.98 10.64 -12.58
N ASN C 75 -4.99 10.38 -11.28
CA ASN C 75 -6.14 10.76 -10.41
C ASN C 75 -6.44 12.25 -10.60
N LEU D 47 5.49 -27.24 -29.69
CA LEU D 47 5.35 -26.79 -28.31
C LEU D 47 4.46 -25.55 -28.21
N LEU D 48 4.49 -24.70 -29.24
CA LEU D 48 3.53 -23.60 -29.29
C LEU D 48 2.10 -24.13 -29.21
N GLN D 49 1.81 -25.21 -29.93
CA GLN D 49 0.48 -25.77 -29.87
C GLN D 49 0.10 -26.10 -28.42
N ASP D 50 0.99 -26.79 -27.70
CA ASP D 50 0.68 -27.19 -26.33
C ASP D 50 0.54 -26.00 -25.40
N GLN D 51 1.40 -24.99 -25.52
CA GLN D 51 1.31 -23.86 -24.59
C GLN D 51 0.12 -22.97 -24.91
N LEU D 52 -0.15 -22.76 -26.20
CA LEU D 52 -1.32 -21.98 -26.55
C LEU D 52 -2.58 -22.71 -26.12
N GLN D 53 -2.62 -24.03 -26.29
CA GLN D 53 -3.79 -24.77 -25.82
C GLN D 53 -3.92 -24.74 -24.31
N SER D 54 -2.81 -24.81 -23.58
CA SER D 54 -2.87 -24.70 -22.12
C SER D 54 -3.48 -23.37 -21.70
N VAL D 55 -3.03 -22.29 -22.34
CA VAL D 55 -3.57 -20.97 -22.01
C VAL D 55 -5.03 -20.88 -22.38
N LEU D 56 -5.40 -21.40 -23.56
CA LEU D 56 -6.81 -21.47 -23.93
C LEU D 56 -7.63 -22.17 -22.87
N ASP D 57 -7.13 -23.31 -22.37
CA ASP D 57 -7.86 -24.08 -21.37
C ASP D 57 -8.05 -23.30 -20.08
N THR D 58 -7.16 -22.34 -19.78
CA THR D 58 -7.42 -21.48 -18.61
C THR D 58 -8.53 -20.44 -18.81
N LEU D 59 -9.08 -20.29 -20.01
CA LEU D 59 -10.09 -19.27 -20.27
C LEU D 59 -11.49 -19.88 -20.20
N SER D 60 -12.50 -19.01 -20.08
CA SER D 60 -13.88 -19.46 -20.26
C SER D 60 -14.10 -19.85 -21.72
N GLU D 61 -15.20 -20.57 -21.97
CA GLU D 61 -15.56 -20.95 -23.33
C GLU D 61 -15.68 -19.72 -24.22
N ARG D 62 -16.28 -18.66 -23.70
CA ARG D 62 -16.50 -17.46 -24.52
C ARG D 62 -15.19 -16.77 -24.85
N GLU D 63 -14.30 -16.65 -23.85
CA GLU D 63 -12.99 -16.04 -24.10
C GLU D 63 -12.19 -16.87 -25.09
N ALA D 64 -12.19 -18.19 -24.89
CA ALA D 64 -11.42 -19.06 -25.79
C ALA D 64 -11.96 -18.96 -27.21
N GLY D 65 -13.29 -18.87 -27.38
CA GLY D 65 -13.85 -18.71 -28.71
C GLY D 65 -13.46 -17.38 -29.35
N VAL D 66 -13.50 -16.30 -28.57
CA VAL D 66 -12.97 -15.03 -29.07
C VAL D 66 -11.53 -15.18 -29.53
N VAL D 67 -10.71 -15.86 -28.73
CA VAL D 67 -9.29 -16.01 -29.07
C VAL D 67 -9.15 -16.84 -30.36
N ARG D 68 -9.91 -17.92 -30.47
CA ARG D 68 -9.77 -18.78 -31.64
C ARG D 68 -10.11 -18.02 -32.92
N LEU D 69 -11.16 -17.18 -32.88
CA LEU D 69 -11.48 -16.39 -34.07
C LEU D 69 -10.45 -15.28 -34.30
N ARG D 70 -9.98 -14.66 -33.23
CA ARG D 70 -9.04 -13.55 -33.37
C ARG D 70 -7.73 -14.00 -34.00
N PHE D 71 -7.14 -15.08 -33.50
CA PHE D 71 -5.86 -15.55 -34.01
C PHE D 71 -5.99 -16.53 -35.17
N GLY D 72 -7.21 -16.84 -35.60
CA GLY D 72 -7.41 -17.80 -36.68
C GLY D 72 -6.98 -19.21 -36.33
N LEU D 73 -7.35 -19.69 -35.13
CA LEU D 73 -6.80 -20.94 -34.65
C LEU D 73 -7.51 -22.14 -35.22
N THR D 74 -8.71 -21.98 -35.75
CA THR D 74 -9.40 -23.14 -36.27
C THR D 74 -8.91 -23.52 -37.66
N ASP D 75 -8.63 -22.52 -38.54
CA ASP D 75 -8.14 -22.84 -39.88
C ASP D 75 -6.99 -21.94 -40.35
N GLY D 76 -6.31 -21.24 -39.47
CA GLY D 76 -5.22 -20.38 -39.89
C GLY D 76 -5.62 -18.97 -40.26
N GLN D 77 -6.91 -18.72 -40.49
CA GLN D 77 -7.36 -17.43 -40.97
C GLN D 77 -8.21 -16.75 -39.91
N PRO D 78 -7.86 -15.51 -39.57
CA PRO D 78 -8.61 -14.81 -38.52
C PRO D 78 -9.89 -14.21 -39.06
N ARG D 79 -10.80 -13.91 -38.13
CA ARG D 79 -12.02 -13.16 -38.41
C ARG D 79 -11.84 -11.72 -37.96
N THR D 80 -12.54 -10.80 -38.65
CA THR D 80 -12.40 -9.39 -38.27
C THR D 80 -12.98 -9.15 -36.87
N LEU D 81 -12.54 -8.05 -36.26
CA LEU D 81 -13.02 -7.74 -34.92
C LEU D 81 -14.50 -7.42 -34.95
N ASP D 82 -14.96 -6.72 -35.99
CA ASP D 82 -16.40 -6.55 -36.20
C ASP D 82 -17.13 -7.89 -36.21
N GLU D 83 -16.63 -8.86 -36.97
CA GLU D 83 -17.30 -10.15 -37.04
C GLU D 83 -17.27 -10.88 -35.70
N ILE D 84 -16.13 -10.86 -35.00
CA ILE D 84 -16.06 -11.54 -33.71
C ILE D 84 -17.06 -10.91 -32.74
N GLY D 85 -17.16 -9.58 -32.73
CA GLY D 85 -18.14 -8.93 -31.88
C GLY D 85 -19.55 -9.34 -32.22
N GLN D 86 -19.88 -9.40 -33.51
CA GLN D 86 -21.20 -9.84 -33.92
C GLN D 86 -21.47 -11.29 -33.49
N VAL D 87 -20.44 -12.14 -33.57
CA VAL D 87 -20.62 -13.56 -33.28
C VAL D 87 -20.84 -13.79 -31.79
N TYR D 88 -20.00 -13.18 -30.95
CA TYR D 88 -20.05 -13.45 -29.53
C TYR D 88 -20.71 -12.33 -28.73
N GLY D 89 -21.19 -11.28 -29.39
CA GLY D 89 -21.85 -10.19 -28.70
C GLY D 89 -20.94 -9.42 -27.75
N VAL D 90 -19.76 -9.05 -28.21
CA VAL D 90 -18.80 -8.31 -27.39
C VAL D 90 -18.36 -7.05 -28.12
N THR D 91 -17.78 -6.14 -27.35
CA THR D 91 -17.29 -4.88 -27.87
C THR D 91 -15.86 -5.03 -28.38
N ARG D 92 -15.44 -4.07 -29.21
CA ARG D 92 -14.06 -4.04 -29.68
C ARG D 92 -13.10 -4.01 -28.49
N GLU D 93 -13.42 -3.19 -27.49
CA GLU D 93 -12.58 -3.09 -26.30
C GLU D 93 -12.50 -4.42 -25.56
N ARG D 94 -13.62 -5.14 -25.45
CA ARG D 94 -13.59 -6.41 -24.74
C ARG D 94 -12.73 -7.44 -25.47
N ILE D 95 -12.83 -7.47 -26.80
CA ILE D 95 -11.95 -8.34 -27.58
C ILE D 95 -10.48 -8.00 -27.30
N ARG D 96 -10.14 -6.71 -27.34
CA ARG D 96 -8.77 -6.32 -27.06
C ARG D 96 -8.35 -6.72 -25.64
N GLN D 97 -9.26 -6.64 -24.70
CA GLN D 97 -8.99 -7.04 -23.32
C GLN D 97 -8.65 -8.53 -23.23
N ILE D 98 -9.46 -9.36 -23.91
CA ILE D 98 -9.21 -10.79 -23.91
C ILE D 98 -7.90 -11.09 -24.62
N GLU D 99 -7.67 -10.46 -25.77
CA GLU D 99 -6.45 -10.69 -26.53
C GLU D 99 -5.23 -10.33 -25.71
N SER D 100 -5.31 -9.19 -25.03
CA SER D 100 -4.19 -8.68 -24.23
C SER D 100 -3.89 -9.61 -23.06
N LYS D 101 -4.94 -10.09 -22.38
CA LYS D 101 -4.73 -11.05 -21.30
C LYS D 101 -4.14 -12.36 -21.82
N THR D 102 -4.64 -12.86 -22.97
CA THR D 102 -4.09 -14.09 -23.51
C THR D 102 -2.61 -13.94 -23.86
N SER D 104 -0.53 -11.83 -22.57
CA SER D 104 0.22 -11.74 -21.32
C SER D 104 0.43 -13.12 -20.69
N LYS D 105 -0.57 -14.00 -20.76
CA LYS D 105 -0.35 -15.36 -20.27
C LYS D 105 0.72 -16.07 -21.08
N LEU D 106 0.66 -15.98 -22.42
CA LEU D 106 1.63 -16.69 -23.24
C LEU D 106 3.04 -16.23 -22.96
N ARG D 107 3.19 -14.96 -22.69
CA ARG D 107 4.53 -14.36 -22.54
C ARG D 107 5.00 -14.29 -21.08
N HIS D 108 4.20 -14.70 -20.13
CA HIS D 108 4.64 -14.62 -18.74
C HIS D 108 5.84 -15.53 -18.53
N PRO D 109 6.82 -15.12 -17.73
CA PRO D 109 8.03 -15.96 -17.61
C PRO D 109 7.78 -17.30 -16.98
N SER D 110 6.62 -17.54 -16.36
N SER D 110 6.61 -17.53 -16.37
CA SER D 110 6.37 -18.85 -15.79
CA SER D 110 6.35 -18.83 -15.79
C SER D 110 6.24 -19.92 -16.86
C SER D 110 6.24 -19.91 -16.86
N ARG D 111 5.98 -19.52 -18.10
CA ARG D 111 5.81 -20.42 -19.24
C ARG D 111 6.99 -20.37 -20.21
N SER D 112 8.07 -19.66 -19.84
CA SER D 112 9.08 -19.29 -20.81
C SER D 112 9.81 -20.49 -21.40
N GLN D 113 10.45 -21.29 -20.54
CA GLN D 113 11.43 -22.26 -21.06
C GLN D 113 10.84 -23.24 -22.06
N VAL D 114 9.51 -23.41 -22.09
CA VAL D 114 8.87 -24.31 -23.05
C VAL D 114 8.60 -23.58 -24.35
N ASP E 2 -27.56 -13.71 -11.64
CA ASP E 2 -26.95 -14.64 -10.69
C ASP E 2 -27.72 -14.62 -9.36
N TRP E 3 -27.61 -15.71 -8.61
CA TRP E 3 -28.48 -15.91 -7.45
C TRP E 3 -28.23 -14.89 -6.33
N ARG E 4 -27.00 -14.40 -6.18
CA ARG E 4 -26.70 -13.46 -5.11
C ARG E 4 -27.52 -12.18 -5.21
N HIS E 5 -28.04 -11.85 -6.40
CA HIS E 5 -28.90 -10.68 -6.55
C HIS E 5 -30.16 -10.76 -5.70
N LYS E 6 -30.57 -11.97 -5.29
CA LYS E 6 -31.80 -12.15 -4.54
C LYS E 6 -31.57 -12.56 -3.09
N ALA E 7 -30.32 -12.53 -2.61
CA ALA E 7 -30.03 -12.88 -1.23
C ALA E 7 -30.68 -11.90 -0.26
N VAL E 8 -31.63 -12.40 0.54
CA VAL E 8 -32.33 -11.52 1.48
CA VAL E 8 -32.35 -11.54 1.49
C VAL E 8 -31.41 -11.05 2.60
N CYS E 9 -30.37 -11.82 2.92
CA CYS E 9 -29.42 -11.44 3.94
C CYS E 9 -28.61 -10.20 3.56
N ARG E 10 -28.72 -9.72 2.32
CA ARG E 10 -28.13 -8.43 2.00
C ARG E 10 -28.75 -7.30 2.82
N ASP E 11 -29.95 -7.51 3.36
CA ASP E 11 -30.60 -6.51 4.21
C ASP E 11 -30.50 -6.84 5.70
N GLU E 12 -29.58 -7.73 6.08
CA GLU E 12 -29.36 -8.10 7.47
C GLU E 12 -27.95 -7.70 7.89
N ASP E 13 -27.71 -7.72 9.19
CA ASP E 13 -26.38 -7.63 9.74
C ASP E 13 -25.55 -8.86 9.33
N PRO E 14 -24.44 -8.70 8.60
CA PRO E 14 -23.70 -9.89 8.14
C PRO E 14 -23.26 -10.80 9.27
N GLU E 15 -22.96 -10.23 10.44
CA GLU E 15 -22.47 -11.03 11.54
C GLU E 15 -23.52 -11.96 12.11
N LEU E 16 -24.79 -11.74 11.78
CA LEU E 16 -25.85 -12.67 12.13
C LEU E 16 -25.51 -14.08 11.67
N PHE E 17 -24.82 -14.18 10.53
CA PHE E 17 -24.54 -15.48 9.91
C PHE E 17 -23.21 -16.07 10.32
N PHE E 18 -22.53 -15.46 11.29
CA PHE E 18 -21.25 -15.96 11.80
C PHE E 18 -21.30 -16.01 13.31
N PRO E 19 -22.16 -16.86 13.85
CA PRO E 19 -22.24 -17.00 15.30
C PRO E 19 -20.98 -17.64 15.82
N VAL E 20 -20.64 -17.31 17.05
CA VAL E 20 -19.39 -17.85 17.66
C VAL E 20 -19.71 -18.39 19.05
N GLY E 21 -18.90 -19.32 19.54
CA GLY E 21 -19.17 -19.97 20.85
C GLY E 21 -18.77 -19.12 22.05
N ASN E 22 -19.75 -18.67 22.83
CA ASN E 22 -19.45 -17.92 24.08
C ASN E 22 -18.97 -18.94 25.10
N SER E 23 -19.75 -20.01 25.30
CA SER E 23 -19.39 -21.12 26.18
C SER E 23 -20.20 -22.29 25.68
N GLY E 24 -20.33 -22.40 24.36
CA GLY E 24 -21.08 -23.51 23.75
C GLY E 24 -21.77 -23.12 22.46
N PRO E 25 -22.46 -24.07 21.86
CA PRO E 25 -23.17 -23.82 20.60
C PRO E 25 -24.13 -22.65 20.75
N ALA E 26 -24.12 -21.77 19.76
CA ALA E 26 -24.97 -20.59 19.73
C ALA E 26 -26.32 -20.93 19.10
N LEU E 27 -27.11 -21.72 19.83
CA LEU E 27 -28.38 -22.22 19.29
C LEU E 27 -29.34 -21.09 18.93
N ALA E 28 -29.41 -20.05 19.77
CA ALA E 28 -30.33 -18.95 19.51
C ALA E 28 -29.91 -18.14 18.30
N GLN E 29 -28.61 -17.82 18.18
CA GLN E 29 -28.18 -17.01 17.05
C GLN E 29 -28.28 -17.78 15.74
N ILE E 30 -27.95 -19.08 15.78
CA ILE E 30 -28.10 -19.94 14.59
C ILE E 30 -29.57 -19.99 14.17
N ALA E 31 -30.49 -20.11 15.13
CA ALA E 31 -31.90 -20.07 14.78
C ALA E 31 -32.26 -18.74 14.14
N ASP E 32 -31.75 -17.62 14.68
CA ASP E 32 -32.04 -16.32 14.11
C ASP E 32 -31.55 -16.20 12.65
N ALA E 33 -30.40 -16.78 12.34
CA ALA E 33 -29.91 -16.78 10.95
C ALA E 33 -30.76 -17.67 10.03
N LYS E 34 -31.09 -18.88 10.51
CA LYS E 34 -31.92 -19.80 9.74
C LYS E 34 -33.29 -19.20 9.45
N LEU E 35 -33.81 -18.37 10.36
CA LEU E 35 -35.09 -17.73 10.10
C LEU E 35 -35.02 -16.85 8.85
N VAL E 36 -33.88 -16.18 8.64
CA VAL E 36 -33.68 -15.39 7.43
C VAL E 36 -33.57 -16.30 6.22
N CYS E 37 -32.71 -17.32 6.30
CA CYS E 37 -32.60 -18.26 5.17
C CYS E 37 -33.96 -18.85 4.82
N ASN E 38 -34.83 -19.02 5.82
CA ASN E 38 -36.13 -19.62 5.63
C ASN E 38 -37.06 -18.74 4.80
N ARG E 39 -36.77 -17.45 4.71
CA ARG E 39 -37.51 -16.55 3.83
C ARG E 39 -36.66 -16.10 2.66
N CYS E 40 -35.68 -16.91 2.27
CA CYS E 40 -34.83 -16.55 1.14
C CYS E 40 -35.20 -17.37 -0.07
N PRO E 41 -35.42 -16.76 -1.23
CA PRO E 41 -35.79 -17.53 -2.42
C PRO E 41 -34.63 -18.32 -3.00
N VAL E 42 -33.42 -18.12 -2.49
CA VAL E 42 -32.27 -18.73 -3.13
C VAL E 42 -31.52 -19.61 -2.14
N THR E 43 -32.26 -20.15 -1.16
CA THR E 43 -31.67 -20.99 -0.13
C THR E 43 -30.91 -22.19 -0.72
N THR E 44 -31.51 -22.88 -1.70
CA THR E 44 -30.83 -24.06 -2.23
C THR E 44 -29.62 -23.68 -3.07
N GLU E 45 -29.71 -22.61 -3.86
CA GLU E 45 -28.53 -22.20 -4.62
C GLU E 45 -27.41 -21.75 -3.67
N CYS E 46 -27.77 -21.08 -2.59
CA CYS E 46 -26.79 -20.63 -1.59
C CYS E 46 -26.13 -21.83 -0.93
N LEU E 47 -26.93 -22.82 -0.55
CA LEU E 47 -26.39 -24.02 0.06
C LEU E 47 -25.49 -24.78 -0.90
N SER E 48 -25.91 -24.90 -2.15
CA SER E 48 -25.09 -25.57 -3.16
C SER E 48 -23.75 -24.87 -3.32
N TRP E 49 -23.76 -23.55 -3.45
CA TRP E 49 -22.50 -22.82 -3.59
C TRP E 49 -21.61 -23.02 -2.38
N ALA E 50 -22.17 -22.91 -1.16
CA ALA E 50 -21.35 -23.10 0.04
C ALA E 50 -20.77 -24.51 0.10
N LEU E 51 -21.57 -25.53 -0.23
CA LEU E 51 -21.05 -26.91 -0.21
C LEU E 51 -19.99 -27.13 -1.27
N ASN E 52 -20.22 -26.62 -2.48
CA ASN E 52 -19.30 -26.86 -3.59
C ASN E 52 -17.98 -26.11 -3.44
N THR E 53 -18.00 -24.92 -2.86
CA THR E 53 -16.77 -24.17 -2.71
C THR E 53 -16.11 -24.38 -1.35
N GLY E 54 -16.68 -25.23 -0.50
CA GLY E 54 -16.10 -25.59 0.78
C GLY E 54 -16.08 -24.48 1.81
N GLN E 55 -17.16 -23.71 1.91
CA GLN E 55 -17.29 -22.68 2.95
C GLN E 55 -17.48 -23.37 4.30
N ASP E 56 -16.48 -23.23 5.18
CA ASP E 56 -16.48 -23.92 6.46
C ASP E 56 -17.30 -23.18 7.51
N SER E 57 -17.05 -21.88 7.65
CA SER E 57 -17.63 -21.07 8.71
C SER E 57 -18.92 -20.42 8.26
N GLY E 58 -19.80 -20.14 9.21
CA GLY E 58 -20.99 -19.36 8.95
C GLY E 58 -22.19 -20.21 8.59
N VAL E 59 -23.35 -19.55 8.62
CA VAL E 59 -24.63 -20.13 8.22
C VAL E 59 -24.85 -19.79 6.75
N TRP E 60 -25.08 -20.82 5.95
CA TRP E 60 -25.32 -20.65 4.53
C TRP E 60 -26.47 -21.60 4.18
N GLY E 61 -27.42 -21.12 3.37
CA GLY E 61 -28.45 -22.02 2.82
C GLY E 61 -29.27 -22.73 3.88
N GLY E 62 -29.46 -22.12 5.03
CA GLY E 62 -30.20 -22.71 6.13
C GLY E 62 -29.47 -23.80 6.89
N SER E 64 -26.15 -24.71 9.47
CA SER E 64 -25.05 -24.18 10.28
C SER E 64 -23.72 -24.79 9.81
N GLU E 65 -22.63 -24.19 10.29
CA GLU E 65 -21.31 -24.73 10.00
C GLU E 65 -21.18 -26.19 10.45
N ASP E 66 -21.66 -26.49 11.66
CA ASP E 66 -21.57 -27.85 12.15
C ASP E 66 -22.43 -28.81 11.33
N GLU E 67 -23.61 -28.35 10.87
CA GLU E 67 -24.47 -29.23 10.09
C GLU E 67 -23.84 -29.57 8.73
N ARG E 68 -23.26 -28.55 8.06
CA ARG E 68 -22.58 -28.83 6.80
C ARG E 68 -21.34 -29.69 7.00
N ARG E 69 -20.58 -29.44 8.07
CA ARG E 69 -19.43 -30.30 8.36
C ARG E 69 -19.87 -31.74 8.54
N ALA E 70 -20.97 -31.97 9.26
CA ALA E 70 -21.45 -33.34 9.46
C ALA E 70 -21.88 -33.95 8.13
N LEU E 71 -22.45 -33.15 7.24
CA LEU E 71 -22.87 -33.66 5.94
C LEU E 71 -21.70 -34.24 5.15
N LYS E 72 -20.53 -33.64 5.28
CA LYS E 72 -19.39 -33.96 4.41
C LYS E 72 -18.63 -35.14 5.00
N ARG E 73 -18.79 -36.31 4.39
CA ARG E 73 -18.32 -37.58 4.94
C ARG E 73 -18.59 -37.67 6.45
N THR F 46 -13.29 1.72 -3.24
CA THR F 46 -14.19 0.74 -3.85
C THR F 46 -15.04 0.05 -2.79
N LEU F 47 -16.07 -0.69 -3.23
CA LEU F 47 -16.89 -1.44 -2.29
C LEU F 47 -16.11 -2.57 -1.64
N LEU F 48 -15.18 -3.18 -2.39
CA LEU F 48 -14.34 -4.23 -1.83
C LEU F 48 -13.59 -3.73 -0.60
N GLN F 49 -12.99 -2.55 -0.69
CA GLN F 49 -12.19 -2.02 0.41
C GLN F 49 -13.03 -1.85 1.67
N ASP F 50 -14.19 -1.19 1.53
CA ASP F 50 -15.09 -0.98 2.66
C ASP F 50 -15.53 -2.32 3.27
N GLN F 51 -15.94 -3.28 2.44
CA GLN F 51 -16.39 -4.56 2.98
C GLN F 51 -15.25 -5.29 3.69
N LEU F 52 -14.05 -5.25 3.10
CA LEU F 52 -12.91 -5.93 3.71
C LEU F 52 -12.62 -5.35 5.08
N GLN F 53 -12.67 -4.01 5.21
CA GLN F 53 -12.45 -3.40 6.52
C GLN F 53 -13.55 -3.76 7.51
N SER F 54 -14.80 -3.83 7.06
CA SER F 54 -15.88 -4.25 7.95
C SER F 54 -15.62 -5.67 8.49
N VAL F 55 -15.23 -6.59 7.60
CA VAL F 55 -14.93 -7.95 8.04
C VAL F 55 -13.78 -7.96 9.04
N LEU F 56 -12.73 -7.21 8.74
CA LEU F 56 -11.59 -7.12 9.66
C LEU F 56 -12.04 -6.59 11.02
N ASP F 57 -12.99 -5.65 11.03
CA ASP F 57 -13.52 -5.11 12.28
C ASP F 57 -14.24 -6.16 13.10
N THR F 58 -14.80 -7.18 12.44
CA THR F 58 -15.41 -8.24 13.25
C THR F 58 -14.40 -9.17 13.93
N LEU F 59 -13.13 -9.14 13.57
CA LEU F 59 -12.16 -10.10 14.09
C LEU F 59 -11.50 -9.57 15.35
N SER F 60 -10.79 -10.44 16.07
CA SER F 60 -9.96 -9.98 17.16
C SER F 60 -8.78 -9.17 16.61
N GLU F 61 -8.07 -8.48 17.52
CA GLU F 61 -6.94 -7.69 17.06
C GLU F 61 -5.83 -8.58 16.53
N ARG F 62 -5.57 -9.71 17.21
CA ARG F 62 -4.55 -10.63 16.72
C ARG F 62 -4.93 -11.22 15.37
N GLU F 63 -6.19 -11.64 15.21
CA GLU F 63 -6.62 -12.19 13.93
C GLU F 63 -6.52 -11.16 12.81
N ALA F 64 -6.98 -9.94 13.07
CA ALA F 64 -6.91 -8.90 12.05
C ALA F 64 -5.47 -8.61 11.65
N GLY F 65 -4.57 -8.54 12.64
CA GLY F 65 -3.16 -8.36 12.31
C GLY F 65 -2.61 -9.52 11.49
N VAL F 66 -3.01 -10.75 11.83
CA VAL F 66 -2.55 -11.90 11.08
C VAL F 66 -2.99 -11.81 9.62
N VAL F 67 -4.24 -11.39 9.40
CA VAL F 67 -4.77 -11.28 8.04
C VAL F 67 -4.09 -10.13 7.30
N ARG F 68 -3.89 -9.01 7.98
CA ARG F 68 -3.25 -7.89 7.31
C ARG F 68 -1.84 -8.23 6.86
N LEU F 69 -1.08 -8.94 7.70
CA LEU F 69 0.26 -9.38 7.28
C LEU F 69 0.18 -10.39 6.15
N ARG F 70 -0.77 -11.31 6.22
CA ARG F 70 -0.94 -12.32 5.18
C ARG F 70 -1.16 -11.66 3.81
N PHE F 71 -2.10 -10.73 3.74
CA PHE F 71 -2.48 -10.12 2.48
C PHE F 71 -1.66 -8.88 2.12
N GLY F 72 -0.78 -8.42 3.00
CA GLY F 72 -0.02 -7.19 2.75
C GLY F 72 -0.85 -5.92 2.72
N LEU F 73 -1.93 -5.87 3.51
CA LEU F 73 -2.90 -4.78 3.42
C LEU F 73 -2.39 -3.47 3.98
N THR F 74 -1.37 -3.53 4.83
CA THR F 74 -0.99 -2.39 5.65
C THR F 74 0.22 -1.66 5.13
N ASP F 75 1.20 -2.40 4.62
CA ASP F 75 2.42 -1.82 4.07
C ASP F 75 2.69 -2.37 2.68
N GLY F 76 1.71 -3.06 2.08
CA GLY F 76 1.88 -3.58 0.75
C GLY F 76 2.75 -4.80 0.64
N GLN F 77 3.25 -5.33 1.75
CA GLN F 77 4.20 -6.44 1.70
C GLN F 77 3.66 -7.70 2.37
N PRO F 78 3.20 -8.70 1.60
CA PRO F 78 2.76 -9.95 2.23
C PRO F 78 3.92 -10.70 2.87
N ARG F 79 3.68 -11.26 4.06
CA ARG F 79 4.67 -11.99 4.83
C ARG F 79 4.41 -13.50 4.73
N THR F 80 5.48 -14.29 4.80
CA THR F 80 5.34 -15.74 4.80
C THR F 80 4.62 -16.20 6.06
N LEU F 81 4.14 -17.44 6.03
CA LEU F 81 3.40 -17.92 7.20
C LEU F 81 4.31 -18.05 8.41
N ASP F 82 5.59 -18.38 8.20
CA ASP F 82 6.51 -18.47 9.33
C ASP F 82 6.78 -17.10 9.95
N GLU F 83 6.90 -16.06 9.11
CA GLU F 83 7.10 -14.71 9.63
C GLU F 83 5.90 -14.26 10.46
N ILE F 84 4.69 -14.54 9.95
CA ILE F 84 3.48 -14.19 10.69
C ILE F 84 3.42 -14.97 12.00
N GLY F 85 3.75 -16.26 11.97
CA GLY F 85 3.76 -17.03 13.20
C GLY F 85 4.74 -16.50 14.21
N GLN F 86 5.89 -16.02 13.74
CA GLN F 86 6.88 -15.48 14.67
C GLN F 86 6.43 -14.14 15.24
N VAL F 87 5.72 -13.35 14.43
CA VAL F 87 5.24 -12.05 14.90
C VAL F 87 4.12 -12.21 15.91
N TYR F 88 3.13 -13.05 15.61
CA TYR F 88 1.92 -13.13 16.42
C TYR F 88 1.82 -14.39 17.26
N GLY F 89 2.87 -15.22 17.30
CA GLY F 89 2.86 -16.42 18.10
C GLY F 89 1.72 -17.37 17.79
N VAL F 90 1.46 -17.63 16.51
CA VAL F 90 0.43 -18.57 16.08
C VAL F 90 1.07 -19.56 15.12
N THR F 91 0.41 -20.72 14.99
CA THR F 91 0.91 -21.79 14.13
C THR F 91 0.41 -21.63 12.69
N ARG F 92 1.03 -22.52 11.94
CA ARG F 92 0.64 -22.44 10.51
C ARG F 92 -0.85 -22.79 10.38
N GLU F 93 -1.37 -23.74 11.02
CA GLU F 93 -2.78 -24.15 10.87
C GLU F 93 -3.68 -23.05 11.43
N ARG F 94 -3.28 -22.43 12.51
CA ARG F 94 -4.10 -21.34 13.04
C ARG F 94 -4.22 -20.22 12.03
N ILE F 95 -3.11 -19.87 11.37
CA ILE F 95 -3.16 -18.87 10.30
C ILE F 95 -4.15 -19.31 9.22
N ARG F 96 -4.08 -20.59 8.83
CA ARG F 96 -4.95 -21.08 7.76
C ARG F 96 -6.42 -21.01 8.18
N GLN F 97 -6.71 -21.34 9.44
CA GLN F 97 -8.06 -21.23 9.95
C GLN F 97 -8.56 -19.79 9.94
N ILE F 98 -7.72 -18.85 10.40
CA ILE F 98 -8.11 -17.43 10.40
C ILE F 98 -8.41 -16.97 8.98
N GLU F 99 -7.54 -17.35 8.04
CA GLU F 99 -7.75 -16.99 6.64
C GLU F 99 -9.05 -17.60 6.11
N SER F 100 -9.27 -18.89 6.36
CA SER F 100 -10.47 -19.55 5.85
C SER F 100 -11.74 -18.87 6.37
N LYS F 101 -11.77 -18.58 7.68
CA LYS F 101 -12.93 -17.90 8.26
C LYS F 101 -13.12 -16.49 7.70
N THR F 102 -12.03 -15.74 7.53
CA THR F 102 -12.18 -14.42 6.95
C THR F 102 -12.73 -14.49 5.54
N SER F 104 -14.55 -16.83 4.16
CA SER F 104 -15.98 -17.11 4.27
C SER F 104 -16.78 -15.86 4.60
N LYS F 105 -16.29 -15.00 5.50
CA LYS F 105 -17.05 -13.77 5.75
C LYS F 105 -17.08 -12.86 4.54
N LEU F 106 -15.93 -12.72 3.83
CA LEU F 106 -15.88 -11.82 2.68
C LEU F 106 -16.76 -12.30 1.54
N ARG F 107 -16.96 -13.61 1.41
CA ARG F 107 -17.70 -14.15 0.27
C ARG F 107 -19.13 -14.50 0.61
N HIS F 108 -19.58 -14.26 1.84
CA HIS F 108 -20.96 -14.52 2.19
C HIS F 108 -21.87 -13.60 1.40
N PRO F 109 -23.03 -14.09 0.93
CA PRO F 109 -23.89 -13.25 0.09
C PRO F 109 -24.35 -11.98 0.78
N SER F 110 -24.42 -11.96 2.11
CA SER F 110 -24.89 -10.77 2.82
CA SER F 110 -24.89 -10.77 2.82
C SER F 110 -24.03 -9.55 2.52
N ARG F 111 -22.78 -9.74 2.09
CA ARG F 111 -21.90 -8.64 1.76
C ARG F 111 -21.65 -8.50 0.27
N SER F 112 -22.22 -9.38 -0.56
CA SER F 112 -21.88 -9.39 -1.98
C SER F 112 -22.32 -8.09 -2.64
N GLN F 113 -21.36 -7.41 -3.27
CA GLN F 113 -21.64 -6.13 -3.93
C GLN F 113 -22.05 -6.36 -5.38
N ASP G 2 19.73 -10.18 21.49
CA ASP G 2 20.58 -11.01 20.64
C ASP G 2 20.41 -10.60 19.17
N TRP G 3 19.16 -10.37 18.76
CA TRP G 3 18.94 -9.93 17.39
C TRP G 3 19.45 -8.51 17.16
N ARG G 4 19.52 -7.72 18.23
CA ARG G 4 19.96 -6.33 18.09
C ARG G 4 21.40 -6.23 17.59
N HIS G 5 22.22 -7.25 17.81
CA HIS G 5 23.59 -7.20 17.32
C HIS G 5 23.69 -7.37 15.80
N LYS G 6 22.59 -7.67 15.12
CA LYS G 6 22.59 -7.75 13.66
C LYS G 6 21.84 -6.60 13.00
N ALA G 7 21.39 -5.62 13.78
CA ALA G 7 20.68 -4.47 13.24
C ALA G 7 21.62 -3.64 12.37
N VAL G 8 21.25 -3.40 11.10
CA VAL G 8 22.12 -2.62 10.24
C VAL G 8 21.97 -1.13 10.51
N CYS G 9 20.83 -0.71 11.05
CA CYS G 9 20.60 0.69 11.39
C CYS G 9 21.59 1.20 12.43
N ARG G 10 22.36 0.33 13.08
CA ARG G 10 23.41 0.79 13.98
C ARG G 10 24.42 1.67 13.25
N ASP G 11 24.53 1.54 11.93
CA ASP G 11 25.42 2.36 11.12
C ASP G 11 24.74 3.65 10.64
N GLU G 12 23.57 3.98 11.17
CA GLU G 12 22.75 5.08 10.67
C GLU G 12 22.49 6.08 11.77
N ASP G 13 22.09 7.28 11.36
CA ASP G 13 21.58 8.29 12.28
C ASP G 13 20.30 7.76 12.90
N PRO G 14 20.21 7.62 14.23
CA PRO G 14 18.97 7.10 14.83
C PRO G 14 17.75 7.91 14.46
N GLU G 15 17.89 9.23 14.28
CA GLU G 15 16.75 10.07 13.93
C GLU G 15 16.20 9.75 12.55
N LEU G 16 16.97 9.08 11.71
CA LEU G 16 16.43 8.60 10.44
C LEU G 16 15.15 7.80 10.68
N PHE G 17 15.07 7.10 11.79
CA PHE G 17 13.96 6.19 12.01
C PHE G 17 12.81 6.84 12.75
N PHE G 18 12.88 8.13 13.00
CA PHE G 18 11.80 8.83 13.69
C PHE G 18 11.39 10.06 12.87
N PRO G 19 10.90 9.84 11.67
CA PRO G 19 10.35 10.95 10.90
C PRO G 19 9.12 11.51 11.57
N VAL G 20 8.88 12.79 11.31
CA VAL G 20 7.74 13.50 11.84
C VAL G 20 6.63 13.41 10.81
N GLY G 21 5.59 12.64 11.11
CA GLY G 21 4.47 12.51 10.20
C GLY G 21 4.75 11.56 9.06
N ASN G 22 3.85 11.57 8.09
CA ASN G 22 3.90 10.68 6.94
C ASN G 22 3.61 11.45 5.65
N SER G 23 4.07 12.70 5.59
CA SER G 23 3.76 13.58 4.47
C SER G 23 4.98 14.45 4.20
N GLY G 24 5.06 14.99 2.98
CA GLY G 24 6.16 15.84 2.57
C GLY G 24 7.51 15.17 2.75
N PRO G 25 8.43 15.87 3.41
CA PRO G 25 9.77 15.27 3.62
C PRO G 25 9.72 13.92 4.31
N ALA G 26 8.72 13.69 5.16
CA ALA G 26 8.62 12.40 5.83
C ALA G 26 8.49 11.26 4.84
N LEU G 27 7.74 11.48 3.75
CA LEU G 27 7.64 10.44 2.73
C LEU G 27 9.01 10.00 2.27
N ALA G 28 9.90 10.95 1.98
CA ALA G 28 11.24 10.56 1.58
C ALA G 28 11.97 9.89 2.73
N GLN G 29 11.85 10.46 3.94
CA GLN G 29 12.57 9.88 5.07
C GLN G 29 12.09 8.47 5.37
N ILE G 30 10.77 8.26 5.38
CA ILE G 30 10.25 6.91 5.59
C ILE G 30 10.85 5.96 4.56
N ALA G 31 10.85 6.38 3.29
CA ALA G 31 11.43 5.52 2.26
C ALA G 31 12.90 5.27 2.57
N ASP G 32 13.62 6.33 2.96
CA ASP G 32 15.04 6.15 3.26
C ASP G 32 15.22 5.17 4.40
N ALA G 33 14.40 5.29 5.45
CA ALA G 33 14.54 4.34 6.54
C ALA G 33 14.20 2.95 6.07
N LYS G 34 13.13 2.82 5.27
CA LYS G 34 12.75 1.49 4.83
C LYS G 34 13.84 0.89 3.95
N LEU G 35 14.58 1.71 3.21
CA LEU G 35 15.66 1.15 2.40
C LEU G 35 16.68 0.47 3.31
N VAL G 36 17.01 1.10 4.44
CA VAL G 36 17.90 0.46 5.41
C VAL G 36 17.29 -0.86 5.89
N CYS G 37 16.01 -0.84 6.25
CA CYS G 37 15.41 -2.07 6.76
C CYS G 37 15.41 -3.14 5.68
N ASN G 38 15.41 -2.72 4.41
CA ASN G 38 15.35 -3.70 3.34
C ASN G 38 16.65 -4.48 3.20
N ARG G 39 17.74 -4.04 3.83
CA ARG G 39 18.96 -4.83 3.75
C ARG G 39 19.36 -5.40 5.10
N CYS G 40 18.40 -5.46 6.05
CA CYS G 40 18.62 -5.92 7.43
C CYS G 40 18.14 -7.35 7.58
N PRO G 41 18.94 -8.24 8.18
CA PRO G 41 18.53 -9.65 8.28
C PRO G 41 17.58 -9.93 9.43
N VAL G 42 17.19 -8.93 10.19
CA VAL G 42 16.45 -9.18 11.42
C VAL G 42 15.19 -8.28 11.44
N THR G 43 14.62 -8.07 10.25
CA THR G 43 13.38 -7.31 10.15
CA THR G 43 13.38 -7.30 10.16
C THR G 43 12.26 -7.97 10.95
N THR G 44 12.15 -9.30 10.85
CA THR G 44 11.04 -9.98 11.52
C THR G 44 11.14 -9.86 13.03
N GLU G 45 12.33 -10.06 13.59
CA GLU G 45 12.48 -9.95 15.05
C GLU G 45 12.27 -8.52 15.54
N CYS G 46 12.76 -7.55 14.77
CA CYS G 46 12.55 -6.15 15.09
C CYS G 46 11.07 -5.79 15.12
N LEU G 47 10.33 -6.15 14.06
CA LEU G 47 8.88 -5.90 14.02
C LEU G 47 8.17 -6.61 15.18
N SER G 48 8.56 -7.85 15.47
CA SER G 48 7.91 -8.59 16.54
C SER G 48 8.14 -7.87 17.87
N TRP G 49 9.38 -7.48 18.15
CA TRP G 49 9.65 -6.82 19.41
C TRP G 49 8.89 -5.51 19.51
N ALA G 50 8.84 -4.74 18.42
CA ALA G 50 8.12 -3.46 18.46
C ALA G 50 6.64 -3.66 18.76
N LEU G 51 6.00 -4.61 18.06
CA LEU G 51 4.57 -4.83 18.29
C LEU G 51 4.29 -5.40 19.67
N ASN G 52 5.13 -6.34 20.14
CA ASN G 52 4.86 -7.00 21.42
C ASN G 52 5.13 -6.09 22.60
N THR G 53 6.11 -5.19 22.51
CA THR G 53 6.39 -4.27 23.62
C THR G 53 5.74 -2.91 23.44
N GLY G 54 4.93 -2.73 22.41
CA GLY G 54 4.19 -1.49 22.23
C GLY G 54 5.02 -0.27 21.88
N GLN G 55 6.04 -0.44 21.06
CA GLN G 55 6.81 0.71 20.56
C GLN G 55 5.93 1.42 19.54
N ASP G 56 5.24 2.45 19.95
CA ASP G 56 4.25 3.16 19.13
C ASP G 56 4.87 4.16 18.15
N SER G 57 6.03 4.63 18.43
CA SER G 57 6.72 5.64 17.53
CA SER G 57 6.73 5.58 17.50
C SER G 57 7.96 5.04 16.69
N GLY G 58 8.15 5.69 15.58
CA GLY G 58 9.32 5.37 14.77
C GLY G 58 9.08 4.25 13.79
N VAL G 59 10.05 4.09 12.87
CA VAL G 59 10.08 2.97 11.91
C VAL G 59 10.77 1.79 12.56
N TRP G 60 10.06 0.66 12.64
CA TRP G 60 10.61 -0.60 13.14
C TRP G 60 10.20 -1.69 12.19
N GLY G 61 11.11 -2.63 11.95
CA GLY G 61 10.77 -3.81 11.16
C GLY G 61 10.32 -3.51 9.76
N GLY G 62 10.85 -2.45 9.14
CA GLY G 62 10.45 -2.02 7.82
C GLY G 62 9.08 -1.39 7.72
N SER G 64 6.40 1.81 8.98
CA SER G 64 6.25 3.10 9.65
C SER G 64 5.35 2.96 10.88
N GLU G 65 5.37 3.98 11.74
CA GLU G 65 4.53 3.91 12.93
C GLU G 65 3.06 3.91 12.57
N ASP G 66 2.68 4.59 11.48
CA ASP G 66 1.28 4.58 11.07
C ASP G 66 0.88 3.21 10.54
N GLU G 67 1.78 2.56 9.82
CA GLU G 67 1.51 1.20 9.33
C GLU G 67 1.33 0.20 10.48
N ARG G 68 2.17 0.32 11.52
CA ARG G 68 2.00 -0.59 12.66
C ARG G 68 0.70 -0.32 13.40
N ARG G 69 0.35 0.96 13.56
CA ARG G 69 -0.95 1.28 14.16
C ARG G 69 -2.08 0.71 13.32
N ALA G 70 -1.97 0.81 11.99
CA ALA G 70 -3.01 0.30 11.11
C ALA G 70 -3.19 -1.20 11.22
N LEU G 71 -2.13 -1.93 11.60
CA LEU G 71 -2.30 -3.37 11.87
C LEU G 71 -3.46 -3.64 12.85
N LYS G 72 -3.60 -2.78 13.85
CA LYS G 72 -4.67 -2.93 14.87
C LYS G 72 -5.76 -1.89 14.61
N ARG G 73 -5.90 -1.42 13.38
CA ARG G 73 -6.94 -0.40 13.05
C ARG G 73 -8.32 -1.02 13.25
N ARG G 74 -9.00 -0.67 14.35
CA ARG G 74 -10.35 -1.21 14.63
C ARG G 74 -11.41 -0.22 14.15
N LEU H 48 23.73 4.75 30.22
CA LEU H 48 22.36 5.24 30.10
C LEU H 48 22.33 6.76 29.97
N GLN H 49 23.12 7.47 30.80
CA GLN H 49 23.07 8.93 30.75
C GLN H 49 23.44 9.44 29.36
N ASP H 50 24.41 8.81 28.70
CA ASP H 50 24.78 9.25 27.34
C ASP H 50 23.61 9.08 26.36
N GLN H 51 23.02 7.89 26.32
CA GLN H 51 21.96 7.67 25.34
C GLN H 51 20.71 8.46 25.69
N LEU H 52 20.41 8.58 27.00
CA LEU H 52 19.26 9.38 27.42
C LEU H 52 19.46 10.85 27.06
N GLN H 53 20.66 11.39 27.28
CA GLN H 53 20.93 12.77 26.88
C GLN H 53 20.82 12.94 25.37
N SER H 54 21.34 11.98 24.59
CA SER H 54 21.21 12.09 23.14
C SER H 54 19.74 12.16 22.73
N VAL H 55 18.91 11.29 23.31
CA VAL H 55 17.49 11.29 22.97
C VAL H 55 16.84 12.60 23.39
N LEU H 56 17.16 13.09 24.59
CA LEU H 56 16.62 14.37 24.98
C LEU H 56 17.01 15.46 24.00
N ASP H 57 18.26 15.42 23.53
CA ASP H 57 18.74 16.40 22.58
C ASP H 57 17.92 16.38 21.30
N THR H 58 17.33 15.22 20.95
CA THR H 58 16.51 15.23 19.73
C THR H 58 15.15 15.90 19.90
N LEU H 59 14.75 16.25 21.12
CA LEU H 59 13.39 16.73 21.36
C LEU H 59 13.33 18.25 21.39
N SER H 60 12.12 18.79 21.28
CA SER H 60 11.96 20.21 21.56
C SER H 60 12.22 20.48 23.03
N GLU H 61 12.51 21.74 23.35
CA GLU H 61 12.73 22.11 24.75
C GLU H 61 11.51 21.78 25.60
N ARG H 62 10.30 22.00 25.07
CA ARG H 62 9.11 21.66 25.84
C ARG H 62 9.00 20.15 26.06
N GLU H 63 9.27 19.35 25.02
CA GLU H 63 9.19 17.90 25.17
C GLU H 63 10.25 17.41 26.15
N ALA H 64 11.47 17.90 26.01
CA ALA H 64 12.53 17.50 26.92
C ALA H 64 12.19 17.86 28.36
N GLY H 65 11.58 19.04 28.58
CA GLY H 65 11.19 19.41 29.93
C GLY H 65 10.11 18.51 30.48
N VAL H 66 9.10 18.17 29.66
CA VAL H 66 8.08 17.21 30.06
C VAL H 66 8.75 15.92 30.50
N VAL H 67 9.72 15.44 29.71
CA VAL H 67 10.37 14.17 30.01
C VAL H 67 11.16 14.27 31.31
N ARG H 68 11.92 15.35 31.48
CA ARG H 68 12.73 15.52 32.68
C ARG H 68 11.86 15.52 33.94
N LEU H 69 10.73 16.22 33.90
CA LEU H 69 9.86 16.21 35.08
C LEU H 69 9.16 14.86 35.24
N ARG H 70 8.78 14.22 34.14
CA ARG H 70 8.08 12.94 34.23
C ARG H 70 8.97 11.88 34.86
N PHE H 71 10.22 11.78 34.43
CA PHE H 71 11.12 10.74 34.91
C PHE H 71 11.93 11.16 36.13
N GLY H 72 11.80 12.40 36.58
CA GLY H 72 12.56 12.82 37.75
C GLY H 72 14.03 12.97 37.43
N LEU H 73 14.33 13.55 36.27
CA LEU H 73 15.72 13.56 35.80
C LEU H 73 16.56 14.65 36.42
N THR H 74 15.96 15.65 37.05
CA THR H 74 16.81 16.72 37.57
C THR H 74 17.24 16.48 39.02
N ASP H 75 16.38 15.93 39.88
CA ASP H 75 16.77 15.66 41.26
C ASP H 75 16.39 14.25 41.72
N GLY H 76 16.10 13.36 40.78
CA GLY H 76 15.67 12.02 41.10
C GLY H 76 14.18 11.87 41.41
N GLN H 77 13.43 12.96 41.56
CA GLN H 77 12.05 12.89 42.02
C GLN H 77 11.11 13.33 40.92
N PRO H 78 10.14 12.49 40.53
CA PRO H 78 9.22 12.88 39.46
C PRO H 78 8.20 13.87 39.98
N ARG H 79 7.64 14.64 39.06
CA ARG H 79 6.49 15.49 39.33
C ARG H 79 5.22 14.79 38.87
N THR H 80 4.09 15.14 39.49
CA THR H 80 2.83 14.48 39.15
C THR H 80 2.42 14.86 37.73
N LEU H 81 1.53 14.04 37.15
CA LEU H 81 1.10 14.35 35.80
C LEU H 81 0.29 15.63 35.76
N ASP H 82 -0.55 15.87 36.77
CA ASP H 82 -1.27 17.14 36.80
C ASP H 82 -0.29 18.32 36.84
N GLU H 83 0.82 18.15 37.56
CA GLU H 83 1.74 19.28 37.70
C GLU H 83 2.50 19.54 36.41
N ILE H 84 2.96 18.47 35.74
CA ILE H 84 3.60 18.62 34.44
C ILE H 84 2.64 19.30 33.47
N GLY H 85 1.39 18.80 33.43
CA GLY H 85 0.41 19.38 32.53
C GLY H 85 0.19 20.86 32.80
N GLN H 86 0.19 21.25 34.08
CA GLN H 86 -0.06 22.65 34.42
C GLN H 86 1.13 23.54 34.10
N VAL H 87 2.36 23.04 34.27
CA VAL H 87 3.50 23.92 34.08
C VAL H 87 3.91 24.01 32.61
N TYR H 88 3.71 22.96 31.81
CA TYR H 88 4.08 23.06 30.40
C TYR H 88 2.89 23.33 29.49
N GLY H 89 1.69 23.47 30.05
CA GLY H 89 0.53 23.76 29.24
C GLY H 89 0.21 22.68 28.23
N VAL H 90 0.35 21.42 28.62
CA VAL H 90 0.07 20.30 27.74
C VAL H 90 -0.88 19.35 28.46
N THR H 91 -1.55 18.50 27.68
CA THR H 91 -2.56 17.59 28.17
C THR H 91 -1.97 16.28 28.67
N ARG H 92 -2.73 15.60 29.51
CA ARG H 92 -2.38 14.25 29.95
C ARG H 92 -2.00 13.36 28.76
N GLU H 93 -2.82 13.33 27.74
CA GLU H 93 -2.54 12.48 26.56
C GLU H 93 -1.30 12.98 25.85
N ARG H 94 -1.10 14.30 25.81
CA ARG H 94 0.11 14.88 25.15
C ARG H 94 1.36 14.45 25.92
N ILE H 95 1.24 14.31 27.24
CA ILE H 95 2.40 13.89 28.09
C ILE H 95 2.68 12.41 27.80
N ARG H 96 1.64 11.59 27.62
CA ARG H 96 1.81 10.16 27.33
C ARG H 96 2.41 10.01 25.91
N GLN H 97 1.99 10.85 24.98
CA GLN H 97 2.51 10.80 23.59
C GLN H 97 4.02 11.11 23.63
N ILE H 98 4.44 12.02 24.48
CA ILE H 98 5.86 12.35 24.59
C ILE H 98 6.63 11.23 25.28
N GLU H 99 6.07 10.70 26.36
CA GLU H 99 6.73 9.63 27.08
C GLU H 99 6.93 8.42 26.16
N SER H 100 5.88 8.10 25.39
CA SER H 100 5.91 6.96 24.48
C SER H 100 6.95 7.16 23.38
N LYS H 101 6.96 8.35 22.76
CA LYS H 101 7.97 8.63 21.74
C LYS H 101 9.38 8.51 22.29
N THR H 102 9.61 9.11 23.48
CA THR H 102 10.94 9.07 24.08
C THR H 102 11.40 7.65 24.38
N SER H 104 10.41 4.91 22.92
CA SER H 104 10.68 4.25 21.64
C SER H 104 12.05 4.63 21.11
N LYS H 105 12.39 5.92 21.15
CA LYS H 105 13.71 6.33 20.69
C LYS H 105 14.80 5.65 21.48
N LEU H 106 14.64 5.58 22.80
CA LEU H 106 15.68 5.04 23.65
C LEU H 106 15.95 3.58 23.35
N ARG H 107 14.88 2.82 23.05
CA ARG H 107 15.02 1.39 22.86
C ARG H 107 15.13 0.97 21.39
N HIS H 108 15.17 1.91 20.45
CA HIS H 108 15.30 1.54 19.04
C HIS H 108 16.65 0.85 18.82
N PRO H 109 16.72 -0.15 17.94
CA PRO H 109 17.97 -0.90 17.77
C PRO H 109 19.09 -0.10 17.13
N SER H 110 18.82 1.12 16.66
N SER H 110 18.83 1.12 16.65
CA SER H 110 19.89 1.95 16.12
CA SER H 110 19.91 1.95 16.12
C SER H 110 20.83 2.46 17.21
C SER H 110 20.84 2.46 17.22
N ARG H 111 20.40 2.42 18.47
CA ARG H 111 21.18 2.91 19.59
C ARG H 111 21.62 1.82 20.53
N SER H 112 20.83 0.77 20.64
CA SER H 112 21.21 -0.50 21.26
C SER H 112 22.66 -0.90 20.95
#